data_1P77
#
_entry.id   1P77
#
_cell.length_a   84.054
_cell.length_b   82.728
_cell.length_c   82.365
_cell.angle_alpha   90.00
_cell.angle_beta   90.00
_cell.angle_gamma   90.00
#
_symmetry.space_group_name_H-M   'C 2 2 21'
#
loop_
_entity.id
_entity.type
_entity.pdbx_description
1 polymer 'Shikimate 5-dehydrogenase'
2 non-polymer 'ACETATE ION'
3 non-polymer "2'-MONOPHOSPHOADENOSINE-5'-DIPHOSPHATE"
4 water water
#
_entity_poly.entity_id   1
_entity_poly.type   'polypeptide(L)'
_entity_poly.pdbx_seq_one_letter_code
;MDLYAVWGNPIAQSKSPLIQNKLAAQTHQTMEYIAKLGDLDAFEQQLLAFFEEGAKGCNITSPFKERAYQLADEYSQRAK
LAEACNTLKKLDDGKLYADNTDGIGLVTDLQRLNWLRPNQHVLILGAGGATKGVLLPLLQAQQNIVLANRTFSKTKELAE
RFQPYGNIQAVSMDSIPLQTYDLVINATSAGLSGGTASVDAEILKLGSAFYDMQYAKGTDTPFIALCKSLGLTNVSDGFG
MLVAQAAHSFHLWRGVMPDFVSVYEQLKKAML
;
_entity_poly.pdbx_strand_id   A
#
# COMPACT_ATOMS: atom_id res chain seq x y z
N MET A 1 14.49 -15.87 19.64
CA MET A 1 13.86 -15.78 18.30
C MET A 1 13.13 -14.43 18.14
N ASP A 2 13.57 -13.58 17.22
CA ASP A 2 12.96 -12.27 17.05
C ASP A 2 11.51 -12.43 16.59
N LEU A 3 10.63 -11.61 17.13
CA LEU A 3 9.23 -11.72 16.82
C LEU A 3 8.70 -10.48 16.11
N TYR A 4 8.01 -10.72 15.01
CA TYR A 4 7.29 -9.69 14.28
C TYR A 4 5.87 -10.19 14.08
N ALA A 5 4.96 -9.29 13.72
CA ALA A 5 3.59 -9.71 13.48
C ALA A 5 2.86 -8.76 12.53
N VAL A 6 1.70 -9.20 12.06
CA VAL A 6 0.78 -8.31 11.37
C VAL A 6 -0.44 -8.16 12.28
N TRP A 7 -0.85 -6.94 12.53
CA TRP A 7 -2.05 -6.68 13.35
C TRP A 7 -3.21 -6.18 12.49
N GLY A 8 -4.37 -6.78 12.70
CA GLY A 8 -5.55 -6.40 11.95
C GLY A 8 -6.80 -7.08 12.45
N ASN A 9 -7.93 -6.73 11.86
CA ASN A 9 -9.20 -7.37 12.20
C ASN A 9 -10.10 -7.12 11.01
N PRO A 10 -10.36 -8.16 10.22
CA PRO A 10 -9.88 -9.52 10.50
C PRO A 10 -8.39 -9.66 10.16
N ILE A 11 -7.80 -10.81 10.47
CA ILE A 11 -6.41 -11.08 10.14
C ILE A 11 -6.24 -12.49 9.60
N ALA A 12 -7.23 -13.35 9.81
CA ALA A 12 -7.15 -14.75 9.35
C ALA A 12 -6.74 -14.90 7.88
N GLN A 13 -7.13 -13.94 7.05
CA GLN A 13 -6.82 -13.98 5.63
C GLN A 13 -5.38 -13.53 5.28
N SER A 14 -4.65 -13.00 6.25
CA SER A 14 -3.40 -12.35 5.89
C SER A 14 -2.33 -13.24 5.29
N LYS A 15 -1.71 -12.76 4.21
CA LYS A 15 -0.55 -13.36 3.54
C LYS A 15 0.75 -12.80 4.10
N SER A 16 0.62 -11.80 4.93
CA SER A 16 1.86 -11.22 5.44
C SER A 16 2.85 -12.23 6.04
N PRO A 17 2.41 -13.11 6.93
CA PRO A 17 3.32 -14.12 7.49
C PRO A 17 4.00 -14.94 6.40
N LEU A 18 3.24 -15.41 5.42
CA LEU A 18 3.78 -16.20 4.30
C LEU A 18 4.85 -15.38 3.57
N ILE A 19 4.53 -14.13 3.32
CA ILE A 19 5.44 -13.29 2.58
C ILE A 19 6.70 -13.02 3.40
N GLN A 20 6.53 -12.62 4.65
CA GLN A 20 7.66 -12.26 5.49
C GLN A 20 8.60 -13.44 5.78
N ASN A 21 8.02 -14.63 5.92
CA ASN A 21 8.80 -15.87 6.08
C ASN A 21 9.69 -16.07 4.87
N LYS A 22 9.14 -15.89 3.68
CA LYS A 22 9.94 -16.07 2.48
C LYS A 22 10.99 -14.99 2.41
N LEU A 23 10.62 -13.78 2.84
CA LEU A 23 11.59 -12.69 2.83
C LEU A 23 12.73 -13.00 3.79
N ALA A 24 12.42 -13.59 4.94
CA ALA A 24 13.44 -13.93 5.93
C ALA A 24 14.36 -15.04 5.41
N ALA A 25 13.77 -16.04 4.83
CA ALA A 25 14.51 -17.14 4.24
C ALA A 25 15.58 -16.72 3.19
N GLN A 26 15.16 -15.95 2.21
CA GLN A 26 15.89 -15.38 1.17
C GLN A 26 17.10 -14.57 1.68
N THR A 27 16.92 -13.88 2.75
CA THR A 27 17.99 -13.06 3.32
C THR A 27 18.68 -13.78 4.48
N HIS A 28 18.31 -15.02 4.77
CA HIS A 28 18.85 -15.73 5.92
C HIS A 28 18.80 -14.88 7.20
N GLN A 29 17.65 -14.30 7.48
CA GLN A 29 17.43 -13.57 8.71
C GLN A 29 16.67 -14.52 9.61
N THR A 30 17.10 -14.59 10.86
CA THR A 30 16.48 -15.49 11.81
C THR A 30 15.42 -14.74 12.54
N MET A 31 14.16 -15.06 12.24
CA MET A 31 13.07 -14.30 12.83
C MET A 31 11.78 -15.06 12.58
N GLU A 32 10.72 -14.64 13.24
CA GLU A 32 9.43 -15.26 13.00
C GLU A 32 8.39 -14.15 12.95
N TYR A 33 7.36 -14.37 12.12
CA TYR A 33 6.34 -13.38 11.84
C TYR A 33 5.01 -14.09 11.94
N ILE A 34 4.16 -13.60 12.84
CA ILE A 34 2.90 -14.24 13.10
C ILE A 34 1.75 -13.31 12.81
N ALA A 35 0.54 -13.85 12.84
CA ALA A 35 -0.64 -13.02 12.67
C ALA A 35 -1.30 -12.75 14.01
N LYS A 36 -1.64 -11.50 14.27
CA LYS A 36 -2.27 -11.12 15.53
C LYS A 36 -3.63 -10.43 15.31
N LEU A 37 -4.67 -10.90 15.99
CA LEU A 37 -5.99 -10.30 15.82
C LEU A 37 -6.10 -9.10 16.75
N GLY A 38 -6.18 -7.91 16.19
CA GLY A 38 -6.31 -6.74 17.03
C GLY A 38 -7.75 -6.58 17.46
N ASP A 39 -7.99 -6.44 18.77
CA ASP A 39 -9.34 -6.21 19.26
C ASP A 39 -9.78 -4.82 18.82
N LEU A 40 -11.04 -4.65 18.39
CA LEU A 40 -11.46 -3.34 17.88
C LEU A 40 -11.39 -2.26 18.93
N ASP A 41 -11.54 -2.64 20.20
CA ASP A 41 -11.42 -1.67 21.27
C ASP A 41 -10.04 -1.71 21.93
N ALA A 42 -9.54 -2.92 22.21
CA ALA A 42 -8.30 -3.04 22.98
C ALA A 42 -7.01 -3.01 22.18
N PHE A 43 -7.12 -2.86 20.88
CA PHE A 43 -5.93 -2.88 20.03
C PHE A 43 -4.74 -2.13 20.62
N GLU A 44 -4.93 -0.87 21.00
CA GLU A 44 -3.83 -0.06 21.53
C GLU A 44 -3.10 -0.75 22.69
N GLN A 45 -3.85 -1.30 23.65
CA GLN A 45 -3.27 -1.97 24.81
C GLN A 45 -2.56 -3.26 24.40
N GLN A 46 -3.21 -4.03 23.54
CA GLN A 46 -2.61 -5.27 23.05
C GLN A 46 -1.31 -4.98 22.31
N LEU A 47 -1.31 -3.93 21.48
CA LEU A 47 -0.12 -3.61 20.71
C LEU A 47 1.03 -3.27 21.64
N LEU A 48 0.80 -2.32 22.52
CA LEU A 48 1.81 -1.91 23.49
C LEU A 48 2.34 -3.10 24.33
N ALA A 49 1.46 -3.99 24.75
CA ALA A 49 1.87 -5.18 25.50
C ALA A 49 2.78 -6.03 24.61
N PHE A 50 2.44 -6.09 23.34
CA PHE A 50 3.21 -6.86 22.37
C PHE A 50 4.64 -6.33 22.30
N PHE A 51 4.79 -5.02 22.28
CA PHE A 51 6.13 -4.45 22.26
C PHE A 51 6.79 -4.55 23.64
N GLU A 52 6.02 -4.38 24.71
CA GLU A 52 6.62 -4.48 26.03
C GLU A 52 7.20 -5.87 26.27
N GLU A 53 6.55 -6.86 25.69
CA GLU A 53 6.96 -8.24 25.80
C GLU A 53 8.09 -8.57 24.84
N GLY A 54 8.61 -7.57 24.14
CA GLY A 54 9.82 -7.77 23.35
C GLY A 54 9.79 -7.91 21.85
N ALA A 55 8.62 -7.72 21.22
CA ALA A 55 8.55 -7.84 19.76
C ALA A 55 9.42 -6.77 19.15
N LYS A 56 10.03 -7.08 17.99
CA LYS A 56 10.90 -6.13 17.31
C LYS A 56 10.16 -5.16 16.37
N GLY A 57 9.04 -5.60 15.82
CA GLY A 57 8.28 -4.71 14.96
C GLY A 57 7.04 -5.41 14.43
N CYS A 58 6.24 -4.70 13.66
CA CYS A 58 5.04 -5.31 13.13
C CYS A 58 4.47 -4.52 11.96
N ASN A 59 3.65 -5.19 11.17
CA ASN A 59 2.84 -4.47 10.19
C ASN A 59 1.45 -4.25 10.81
N ILE A 60 0.73 -3.26 10.27
CA ILE A 60 -0.59 -2.95 10.74
C ILE A 60 -1.45 -2.90 9.49
N THR A 61 -2.59 -3.59 9.52
CA THR A 61 -3.52 -3.46 8.41
C THR A 61 -4.88 -3.02 8.97
N SER A 62 -5.96 -3.05 8.19
CA SER A 62 -7.23 -2.53 8.71
C SER A 62 -7.69 -3.28 9.92
N PRO A 63 -8.38 -2.57 10.79
CA PRO A 63 -8.64 -1.13 10.60
C PRO A 63 -7.79 -0.25 11.52
N PHE A 64 -6.52 -0.58 11.69
CA PHE A 64 -5.73 0.10 12.71
C PHE A 64 -4.62 1.02 12.26
N LYS A 65 -4.50 1.33 10.98
CA LYS A 65 -3.41 2.10 10.47
C LYS A 65 -3.17 3.47 11.11
N GLU A 66 -4.19 4.26 11.17
CA GLU A 66 -4.39 5.51 11.78
C GLU A 66 -4.06 5.44 13.29
N ARG A 67 -4.67 4.49 13.91
CA ARG A 67 -4.53 4.24 15.31
C ARG A 67 -3.11 3.87 15.71
N ALA A 68 -2.47 3.09 14.86
CA ALA A 68 -1.09 2.68 15.13
C ALA A 68 -0.18 3.90 14.99
N TYR A 69 -0.46 4.70 13.97
CA TYR A 69 0.31 5.91 13.75
C TYR A 69 0.28 6.81 15.01
N GLN A 70 -0.90 6.94 15.62
CA GLN A 70 -1.05 7.82 16.78
C GLN A 70 -0.27 7.33 17.99
N LEU A 71 0.01 6.03 18.01
CA LEU A 71 0.72 5.40 19.11
C LEU A 71 2.22 5.61 19.05
N ALA A 72 2.71 5.92 17.87
CA ALA A 72 4.15 5.98 17.68
C ALA A 72 4.86 7.16 18.37
N ASP A 73 6.11 6.94 18.73
CA ASP A 73 6.92 7.98 19.33
C ASP A 73 7.57 8.83 18.26
N GLU A 74 8.01 8.20 17.18
CA GLU A 74 8.67 8.90 16.09
C GLU A 74 8.07 8.33 14.83
N TYR A 75 8.16 9.07 13.74
CA TYR A 75 7.57 8.60 12.49
C TYR A 75 8.26 9.24 11.30
N SER A 76 8.13 8.57 10.16
CA SER A 76 8.72 9.06 8.93
C SER A 76 7.81 10.09 8.26
N GLN A 77 8.37 10.82 7.31
CA GLN A 77 7.60 11.77 6.51
C GLN A 77 6.44 11.03 5.84
N ARG A 78 6.73 9.82 5.37
CA ARG A 78 5.72 9.01 4.70
C ARG A 78 4.53 8.74 5.61
N ALA A 79 4.82 8.42 6.85
CA ALA A 79 3.77 8.13 7.82
C ALA A 79 3.05 9.43 8.15
N LYS A 80 3.81 10.51 8.31
CA LYS A 80 3.21 11.81 8.65
C LYS A 80 2.19 12.24 7.59
N LEU A 81 2.60 12.19 6.32
CA LEU A 81 1.69 12.57 5.24
C LEU A 81 0.46 11.66 5.18
N ALA A 82 0.68 10.36 5.27
CA ALA A 82 -0.43 9.42 5.27
C ALA A 82 -1.31 9.56 6.49
N GLU A 83 -0.74 10.11 7.57
CA GLU A 83 -1.38 10.13 8.89
C GLU A 83 -1.85 8.73 9.24
N ALA A 84 -1.02 7.76 8.88
CA ALA A 84 -1.38 6.38 9.10
C ALA A 84 -0.10 5.61 8.95
N CYS A 85 -0.07 4.41 9.51
CA CYS A 85 1.17 3.68 9.49
C CYS A 85 0.89 2.21 9.30
N ASN A 86 1.69 1.56 8.47
CA ASN A 86 1.49 0.13 8.24
C ASN A 86 2.68 -0.63 8.80
N THR A 87 3.65 0.11 9.34
CA THR A 87 4.84 -0.52 9.86
C THR A 87 5.31 0.15 11.11
N LEU A 88 5.56 -0.66 12.14
CA LEU A 88 6.20 -0.13 13.34
C LEU A 88 7.47 -0.89 13.62
N LYS A 89 8.50 -0.18 14.10
CA LYS A 89 9.73 -0.85 14.52
C LYS A 89 10.00 -0.37 15.92
N LYS A 90 10.23 -1.28 16.85
CA LYS A 90 10.62 -0.81 18.17
C LYS A 90 12.13 -0.60 18.08
N LEU A 91 12.58 0.64 18.20
CA LEU A 91 13.99 0.95 18.09
C LEU A 91 14.74 0.48 19.33
N ASP A 92 16.07 0.38 19.19
CA ASP A 92 16.88 -0.16 20.26
C ASP A 92 16.76 0.70 21.51
N ASP A 93 16.47 1.98 21.35
CA ASP A 93 16.38 2.83 22.52
C ASP A 93 15.00 2.77 23.16
N GLY A 94 14.12 1.94 22.62
CA GLY A 94 12.80 1.82 23.22
C GLY A 94 11.68 2.57 22.50
N LYS A 95 12.05 3.49 21.62
CA LYS A 95 11.08 4.24 20.86
C LYS A 95 10.29 3.42 19.84
N LEU A 96 8.99 3.69 19.72
CA LEU A 96 8.15 3.10 18.68
C LEU A 96 8.17 4.00 17.44
N TYR A 97 8.77 3.50 16.36
CA TYR A 97 8.91 4.26 15.12
C TYR A 97 7.91 3.81 14.04
N ALA A 98 7.10 4.72 13.55
CA ALA A 98 6.13 4.40 12.50
C ALA A 98 6.61 4.80 11.13
N ASP A 99 6.39 3.92 10.17
CA ASP A 99 6.63 4.25 8.80
C ASP A 99 5.39 3.76 8.02
N ASN A 100 5.30 4.14 6.76
CA ASN A 100 4.21 3.62 5.93
C ASN A 100 4.88 3.20 4.65
N THR A 101 4.95 1.90 4.42
CA THR A 101 5.63 1.39 3.24
C THR A 101 4.68 1.11 2.11
N ASP A 102 3.41 1.46 2.29
CA ASP A 102 2.42 1.17 1.25
C ASP A 102 2.78 1.89 -0.04
N GLY A 103 3.15 3.17 0.09
CA GLY A 103 3.45 3.98 -1.07
C GLY A 103 4.69 3.52 -1.81
N ILE A 104 5.75 3.25 -1.07
CA ILE A 104 6.95 2.82 -1.72
C ILE A 104 6.77 1.40 -2.27
N GLY A 105 5.91 0.60 -1.64
CA GLY A 105 5.61 -0.73 -2.17
C GLY A 105 4.94 -0.58 -3.54
N LEU A 106 3.97 0.33 -3.61
CA LEU A 106 3.24 0.57 -4.84
C LEU A 106 4.26 1.02 -5.91
N VAL A 107 5.07 1.99 -5.57
CA VAL A 107 6.09 2.47 -6.49
C VAL A 107 7.01 1.34 -6.98
N THR A 108 7.43 0.51 -6.04
CA THR A 108 8.33 -0.57 -6.39
C THR A 108 7.66 -1.56 -7.36
N ASP A 109 6.40 -1.90 -7.10
CA ASP A 109 5.71 -2.83 -7.98
C ASP A 109 5.49 -2.23 -9.37
N LEU A 110 5.08 -0.96 -9.44
CA LEU A 110 4.93 -0.29 -10.74
C LEU A 110 6.25 -0.26 -11.51
N GLN A 111 7.35 -0.11 -10.79
CA GLN A 111 8.66 -0.14 -11.44
C GLN A 111 8.94 -1.53 -12.02
N ARG A 112 8.59 -2.57 -11.27
CA ARG A 112 8.71 -3.94 -11.77
C ARG A 112 7.96 -4.05 -13.10
N LEU A 113 6.76 -3.48 -13.12
CA LEU A 113 5.91 -3.52 -14.30
C LEU A 113 6.32 -2.56 -15.41
N ASN A 114 7.30 -1.70 -15.12
CA ASN A 114 7.73 -0.68 -16.08
C ASN A 114 6.55 0.24 -16.36
N TRP A 115 5.78 0.51 -15.31
CA TRP A 115 4.62 1.37 -15.41
C TRP A 115 4.83 2.57 -14.53
N LEU A 116 6.04 3.09 -14.48
CA LEU A 116 6.24 4.26 -13.64
C LEU A 116 7.24 5.21 -14.28
N ARG A 117 7.01 5.51 -15.54
CA ARG A 117 7.91 6.42 -16.21
C ARG A 117 7.71 7.81 -15.66
N PRO A 118 8.80 8.55 -15.54
CA PRO A 118 8.70 9.93 -15.02
C PRO A 118 7.70 10.72 -15.86
N ASN A 119 6.91 11.56 -15.21
CA ASN A 119 5.97 12.42 -15.91
C ASN A 119 4.79 11.76 -16.63
N GLN A 120 4.52 10.52 -16.25
CA GLN A 120 3.29 9.89 -16.65
C GLN A 120 2.09 10.70 -16.07
N HIS A 121 1.01 10.56 -16.77
CA HIS A 121 -0.28 11.08 -16.49
C HIS A 121 -1.19 9.93 -15.98
N VAL A 122 -1.44 10.02 -14.72
CA VAL A 122 -1.96 8.97 -13.89
C VAL A 122 -3.35 9.39 -13.34
N LEU A 123 -4.35 8.54 -13.49
CA LEU A 123 -5.65 8.74 -12.88
C LEU A 123 -5.79 7.85 -11.67
N ILE A 124 -6.12 8.42 -10.51
CA ILE A 124 -6.34 7.60 -9.32
C ILE A 124 -7.79 7.68 -8.88
N LEU A 125 -8.44 6.54 -8.81
CA LEU A 125 -9.82 6.50 -8.36
C LEU A 125 -9.87 6.13 -6.89
N GLY A 126 -10.46 7.01 -6.10
CA GLY A 126 -10.60 6.82 -4.66
C GLY A 126 -9.71 7.76 -3.87
N ALA A 127 -10.21 8.24 -2.74
CA ALA A 127 -9.44 9.18 -1.97
C ALA A 127 -9.62 8.87 -0.49
N GLY A 128 -9.55 7.58 -0.19
CA GLY A 128 -9.59 7.10 1.18
C GLY A 128 -8.16 6.96 1.68
N GLY A 129 -7.98 6.18 2.75
CA GLY A 129 -6.66 6.03 3.34
C GLY A 129 -5.69 5.36 2.40
N ALA A 130 -6.19 4.44 1.60
CA ALA A 130 -5.30 3.75 0.68
C ALA A 130 -4.59 4.77 -0.22
N THR A 131 -5.32 5.68 -0.84
CA THR A 131 -4.69 6.67 -1.73
C THR A 131 -3.82 7.58 -0.92
N LYS A 132 -4.33 7.94 0.23
CA LYS A 132 -3.62 8.86 1.09
C LYS A 132 -2.26 8.29 1.46
N GLY A 133 -2.17 6.96 1.60
CA GLY A 133 -0.90 6.30 1.94
C GLY A 133 0.10 6.12 0.79
N VAL A 134 -0.30 6.41 -0.44
CA VAL A 134 0.61 6.19 -1.58
C VAL A 134 0.97 7.46 -2.37
N LEU A 135 0.20 8.53 -2.16
CA LEU A 135 0.38 9.77 -2.91
C LEU A 135 1.79 10.34 -2.83
N LEU A 136 2.35 10.38 -1.62
CA LEU A 136 3.67 11.00 -1.48
C LEU A 136 4.76 10.34 -2.35
N PRO A 137 4.95 9.03 -2.25
CA PRO A 137 5.96 8.37 -3.10
C PRO A 137 5.61 8.40 -4.59
N LEU A 138 4.33 8.40 -4.93
CA LEU A 138 3.98 8.52 -6.35
C LEU A 138 4.36 9.89 -6.85
N LEU A 139 4.02 10.92 -6.06
CA LEU A 139 4.39 12.26 -6.43
C LEU A 139 5.92 12.40 -6.50
N GLN A 140 6.62 11.78 -5.56
CA GLN A 140 8.07 11.85 -5.55
C GLN A 140 8.63 11.14 -6.79
N ALA A 141 7.86 10.21 -7.36
CA ALA A 141 8.29 9.52 -8.58
C ALA A 141 7.87 10.28 -9.84
N GLN A 142 7.51 11.56 -9.67
CA GLN A 142 7.15 12.41 -10.79
C GLN A 142 5.95 11.91 -11.56
N GLN A 143 4.98 11.37 -10.85
CA GLN A 143 3.72 11.04 -11.47
C GLN A 143 2.84 12.27 -11.37
N ASN A 144 2.24 12.68 -12.49
CA ASN A 144 1.30 13.78 -12.53
C ASN A 144 -0.07 13.21 -12.34
N ILE A 145 -0.71 13.56 -11.23
CA ILE A 145 -1.90 12.81 -10.84
C ILE A 145 -3.21 13.56 -10.96
N VAL A 146 -4.18 12.91 -11.58
CA VAL A 146 -5.56 13.36 -11.58
C VAL A 146 -6.26 12.47 -10.55
N LEU A 147 -6.81 13.09 -9.52
CA LEU A 147 -7.49 12.35 -8.45
C LEU A 147 -8.98 12.56 -8.51
N ALA A 148 -9.73 11.46 -8.44
CA ALA A 148 -11.17 11.50 -8.49
C ALA A 148 -11.73 10.54 -7.45
N ASN A 149 -12.81 10.94 -6.79
CA ASN A 149 -13.45 10.12 -5.76
C ASN A 149 -14.97 10.32 -5.82
N ARG A 150 -15.71 9.31 -5.39
CA ARG A 150 -17.15 9.42 -5.27
C ARG A 150 -17.46 10.67 -4.46
N THR A 151 -16.71 10.90 -3.39
CA THR A 151 -17.00 12.03 -2.52
C THR A 151 -16.02 13.15 -2.80
N PHE A 152 -16.47 14.25 -3.39
CA PHE A 152 -15.52 15.27 -3.79
C PHE A 152 -14.66 15.98 -2.72
N SER A 153 -15.22 16.24 -1.54
CA SER A 153 -14.51 16.97 -0.49
C SER A 153 -13.20 16.29 -0.10
N LYS A 154 -13.23 14.97 -0.08
CA LYS A 154 -12.06 14.18 0.27
C LYS A 154 -11.01 14.29 -0.83
N THR A 155 -11.45 14.37 -2.08
CA THR A 155 -10.51 14.54 -3.19
C THR A 155 -9.74 15.84 -2.99
N LYS A 156 -10.49 16.90 -2.71
CA LYS A 156 -9.89 18.20 -2.57
C LYS A 156 -8.94 18.27 -1.39
N GLU A 157 -9.31 17.62 -0.29
CA GLU A 157 -8.43 17.64 0.88
C GLU A 157 -7.12 17.01 0.54
N LEU A 158 -7.17 15.88 -0.16
CA LEU A 158 -5.94 15.19 -0.47
C LEU A 158 -5.10 15.99 -1.45
N ALA A 159 -5.73 16.55 -2.46
CA ALA A 159 -4.96 17.35 -3.41
C ALA A 159 -4.31 18.48 -2.65
N GLU A 160 -5.07 19.10 -1.75
CA GLU A 160 -4.52 20.20 -0.95
C GLU A 160 -3.37 19.72 -0.08
N ARG A 161 -3.54 18.57 0.53
CA ARG A 161 -2.51 18.05 1.41
C ARG A 161 -1.22 17.75 0.66
N PHE A 162 -1.32 17.21 -0.53
CA PHE A 162 -0.10 16.79 -1.24
C PHE A 162 0.44 17.77 -2.27
N GLN A 163 -0.28 18.86 -2.46
CA GLN A 163 0.10 19.83 -3.48
C GLN A 163 1.57 20.22 -3.38
N PRO A 164 2.15 20.31 -2.19
CA PRO A 164 3.56 20.71 -2.09
C PRO A 164 4.53 19.69 -2.65
N TYR A 165 4.08 18.47 -2.91
CA TYR A 165 5.00 17.41 -3.29
C TYR A 165 5.03 17.05 -4.78
N GLY A 166 4.10 17.59 -5.55
CA GLY A 166 4.12 17.39 -6.98
C GLY A 166 2.83 17.86 -7.60
N ASN A 167 2.51 17.31 -8.76
CA ASN A 167 1.33 17.71 -9.50
C ASN A 167 0.17 16.77 -9.24
N ILE A 168 -0.84 17.26 -8.55
CA ILE A 168 -2.02 16.49 -8.33
C ILE A 168 -3.22 17.40 -8.49
N GLN A 169 -4.15 16.98 -9.33
CA GLN A 169 -5.37 17.73 -9.56
C GLN A 169 -6.57 16.97 -9.01
N ALA A 170 -7.39 17.66 -8.21
CA ALA A 170 -8.63 17.06 -7.71
C ALA A 170 -9.72 17.32 -8.73
N VAL A 171 -10.47 16.29 -9.11
CA VAL A 171 -11.60 16.52 -9.99
C VAL A 171 -12.83 15.77 -9.51
N SER A 172 -14.02 16.26 -9.89
CA SER A 172 -15.25 15.52 -9.60
C SER A 172 -15.21 14.22 -10.40
N MET A 173 -15.85 13.19 -9.87
CA MET A 173 -15.90 11.90 -10.55
C MET A 173 -16.65 12.01 -11.87
N ASP A 174 -17.57 12.97 -11.95
CA ASP A 174 -18.32 13.12 -13.18
C ASP A 174 -17.73 14.08 -14.19
N SER A 175 -16.56 14.61 -13.85
CA SER A 175 -15.82 15.45 -14.78
C SER A 175 -14.37 15.08 -14.80
N ILE A 176 -14.07 13.80 -14.95
CA ILE A 176 -12.68 13.40 -15.03
C ILE A 176 -12.25 13.84 -16.42
N PRO A 177 -11.16 14.61 -16.55
CA PRO A 177 -10.79 15.11 -17.88
C PRO A 177 -10.62 13.95 -18.83
N LEU A 178 -11.28 14.04 -19.98
CA LEU A 178 -11.17 12.99 -21.00
C LEU A 178 -9.83 13.15 -21.72
N GLN A 179 -8.94 12.21 -21.45
CA GLN A 179 -7.58 12.22 -21.98
C GLN A 179 -7.07 10.80 -21.89
N THR A 180 -5.95 10.53 -22.53
CA THR A 180 -5.35 9.23 -22.36
C THR A 180 -4.58 9.31 -21.06
N TYR A 181 -4.83 8.37 -20.17
CA TYR A 181 -4.06 8.28 -18.93
C TYR A 181 -3.06 7.16 -19.14
N ASP A 182 -1.79 7.41 -18.86
CA ASP A 182 -0.78 6.38 -19.03
C ASP A 182 -1.06 5.22 -18.06
N LEU A 183 -1.70 5.55 -16.94
CA LEU A 183 -1.96 4.61 -15.87
C LEU A 183 -3.19 5.03 -15.08
N VAL A 184 -4.04 4.06 -14.79
CA VAL A 184 -5.22 4.27 -13.95
C VAL A 184 -5.06 3.33 -12.78
N ILE A 185 -5.18 3.87 -11.57
CA ILE A 185 -5.04 3.09 -10.35
C ILE A 185 -6.36 3.08 -9.63
N ASN A 186 -6.87 1.89 -9.33
CA ASN A 186 -8.05 1.79 -8.50
C ASN A 186 -7.58 1.68 -7.05
N ALA A 187 -8.06 2.61 -6.23
CA ALA A 187 -7.75 2.58 -4.81
C ALA A 187 -9.05 2.68 -4.06
N THR A 188 -10.12 2.24 -4.64
CA THR A 188 -11.40 2.12 -4.01
C THR A 188 -11.58 0.68 -3.50
N SER A 189 -12.45 0.57 -2.54
CA SER A 189 -13.20 -0.62 -2.16
C SER A 189 -14.44 -0.92 -2.98
N ALA A 190 -15.23 0.06 -3.16
CA ALA A 190 -16.26 0.46 -4.06
C ALA A 190 -16.81 -0.68 -4.82
N SER A 198 -17.86 6.01 -9.52
CA SER A 198 -18.14 5.03 -10.61
C SER A 198 -17.67 5.57 -11.96
N VAL A 199 -16.38 5.38 -12.23
CA VAL A 199 -15.76 5.99 -13.39
C VAL A 199 -16.43 5.81 -14.75
N ASP A 200 -16.56 6.92 -15.47
CA ASP A 200 -17.01 6.88 -16.85
C ASP A 200 -16.15 5.90 -17.66
N ALA A 201 -16.80 4.86 -18.20
CA ALA A 201 -16.12 3.86 -19.01
C ALA A 201 -15.39 4.46 -20.21
N GLU A 202 -15.88 5.59 -20.72
CA GLU A 202 -15.18 6.25 -21.81
C GLU A 202 -13.77 6.63 -21.38
N ILE A 203 -13.60 6.95 -20.11
CA ILE A 203 -12.26 7.28 -19.59
C ILE A 203 -11.37 6.03 -19.57
N LEU A 204 -11.88 4.95 -18.98
CA LEU A 204 -11.15 3.69 -18.89
C LEU A 204 -10.63 3.23 -20.24
N LYS A 205 -11.52 3.28 -21.24
CA LYS A 205 -11.18 2.84 -22.58
C LYS A 205 -9.95 3.51 -23.21
N LEU A 206 -9.61 4.71 -22.78
CA LEU A 206 -8.47 5.39 -23.38
C LEU A 206 -7.15 5.09 -22.67
N GLY A 207 -7.27 4.59 -21.45
CA GLY A 207 -6.15 4.28 -20.59
C GLY A 207 -5.17 3.25 -21.12
N SER A 208 -3.90 3.43 -20.77
CA SER A 208 -2.90 2.52 -21.30
C SER A 208 -2.55 1.35 -20.39
N ALA A 209 -2.78 1.50 -19.09
CA ALA A 209 -2.41 0.47 -18.12
C ALA A 209 -3.31 0.62 -16.91
N PHE A 210 -3.68 -0.49 -16.28
CA PHE A 210 -4.62 -0.43 -15.19
C PHE A 210 -4.12 -1.22 -13.99
N TYR A 211 -4.06 -0.57 -12.84
CA TYR A 211 -3.52 -1.22 -11.65
C TYR A 211 -4.52 -1.15 -10.55
N ASP A 212 -4.87 -2.29 -9.98
CA ASP A 212 -5.75 -2.28 -8.83
C ASP A 212 -4.97 -2.49 -7.56
N MET A 213 -5.11 -1.61 -6.57
CA MET A 213 -4.43 -1.84 -5.30
C MET A 213 -5.05 -3.06 -4.62
N GLN A 214 -6.27 -3.41 -5.04
CA GLN A 214 -6.95 -4.59 -4.51
C GLN A 214 -6.38 -5.83 -5.13
N TYR A 215 -6.44 -6.86 -4.32
CA TYR A 215 -5.91 -8.15 -4.62
C TYR A 215 -7.02 -9.12 -4.22
N ALA A 216 -7.59 -9.79 -5.22
CA ALA A 216 -8.57 -10.83 -4.98
C ALA A 216 -7.83 -12.15 -5.05
N LYS A 217 -7.58 -12.69 -3.86
CA LYS A 217 -6.94 -13.98 -3.74
C LYS A 217 -7.69 -14.95 -4.64
N GLY A 218 -6.95 -15.41 -5.64
CA GLY A 218 -7.43 -16.30 -6.66
C GLY A 218 -8.49 -15.85 -7.66
N THR A 219 -8.60 -14.55 -7.99
CA THR A 219 -9.57 -14.15 -9.02
C THR A 219 -9.38 -12.70 -9.49
N ASP A 220 -10.18 -12.23 -10.45
CA ASP A 220 -10.13 -10.84 -10.90
C ASP A 220 -10.88 -9.97 -9.92
N THR A 221 -10.30 -8.85 -9.49
CA THR A 221 -11.02 -7.92 -8.64
C THR A 221 -12.12 -7.33 -9.52
N PRO A 222 -13.10 -6.69 -8.92
CA PRO A 222 -14.17 -6.04 -9.68
C PRO A 222 -13.59 -5.06 -10.69
N PHE A 223 -12.60 -4.27 -10.26
CA PHE A 223 -11.98 -3.30 -11.15
C PHE A 223 -11.34 -3.96 -12.37
N ILE A 224 -10.54 -5.01 -12.15
CA ILE A 224 -9.92 -5.65 -13.30
C ILE A 224 -10.97 -6.30 -14.21
N ALA A 225 -11.96 -6.93 -13.61
CA ALA A 225 -13.02 -7.55 -14.39
C ALA A 225 -13.64 -6.51 -15.31
N LEU A 226 -13.94 -5.35 -14.73
CA LEU A 226 -14.49 -4.21 -15.46
C LEU A 226 -13.62 -3.83 -16.64
N CYS A 227 -12.32 -3.61 -16.38
CA CYS A 227 -11.39 -3.24 -17.43
C CYS A 227 -11.38 -4.33 -18.51
N LYS A 228 -11.38 -5.59 -18.09
CA LYS A 228 -11.34 -6.66 -19.05
C LYS A 228 -12.62 -6.71 -19.91
N SER A 229 -13.74 -6.29 -19.34
CA SER A 229 -15.01 -6.31 -20.07
C SER A 229 -15.08 -5.21 -21.15
N LEU A 230 -14.16 -4.26 -21.08
CA LEU A 230 -14.11 -3.19 -22.04
C LEU A 230 -13.02 -3.48 -23.04
N GLY A 231 -12.47 -4.68 -22.97
CA GLY A 231 -11.40 -5.06 -23.86
C GLY A 231 -10.05 -4.51 -23.43
N LEU A 232 -9.91 -4.19 -22.15
CA LEU A 232 -8.62 -3.71 -21.68
C LEU A 232 -7.82 -4.91 -21.21
N THR A 233 -6.55 -4.90 -21.53
CA THR A 233 -5.73 -6.05 -21.36
C THR A 233 -4.50 -5.81 -20.50
N ASN A 234 -4.01 -4.57 -20.50
CA ASN A 234 -2.81 -4.20 -19.77
C ASN A 234 -3.17 -3.88 -18.33
N VAL A 235 -3.38 -4.94 -17.56
CA VAL A 235 -3.91 -4.84 -16.23
C VAL A 235 -3.09 -5.62 -15.18
N SER A 236 -3.20 -5.18 -13.94
CA SER A 236 -2.55 -5.86 -12.84
C SER A 236 -3.32 -5.64 -11.55
N ASP A 237 -3.36 -6.66 -10.70
CA ASP A 237 -3.91 -6.45 -9.38
C ASP A 237 -2.79 -5.96 -8.48
N GLY A 238 -3.06 -5.82 -7.19
CA GLY A 238 -2.06 -5.28 -6.30
C GLY A 238 -1.27 -6.27 -5.46
N PHE A 239 -1.13 -7.50 -5.91
CA PHE A 239 -0.39 -8.49 -5.13
C PHE A 239 1.08 -8.10 -5.01
N GLY A 240 1.63 -7.52 -6.07
CA GLY A 240 3.01 -7.09 -6.06
C GLY A 240 3.23 -5.96 -5.07
N MET A 241 2.21 -5.12 -4.92
CA MET A 241 2.26 -4.02 -3.98
C MET A 241 2.30 -4.55 -2.58
N LEU A 242 1.54 -5.62 -2.33
CA LEU A 242 1.51 -6.26 -1.02
C LEU A 242 2.88 -6.85 -0.70
N VAL A 243 3.51 -7.49 -1.67
CA VAL A 243 4.83 -8.08 -1.47
C VAL A 243 5.90 -7.01 -1.34
N ALA A 244 5.82 -5.96 -2.15
CA ALA A 244 6.83 -4.90 -2.10
C ALA A 244 6.79 -4.10 -0.79
N GLN A 245 5.58 -3.78 -0.30
CA GLN A 245 5.51 -3.03 0.96
C GLN A 245 6.10 -3.86 2.07
N ALA A 246 5.88 -5.16 2.00
CA ALA A 246 6.43 -6.09 2.99
C ALA A 246 7.95 -6.06 2.94
N ALA A 247 8.48 -6.04 1.72
CA ALA A 247 9.93 -6.06 1.53
C ALA A 247 10.53 -4.78 2.11
N HIS A 248 9.85 -3.65 1.92
CA HIS A 248 10.29 -2.39 2.47
C HIS A 248 10.18 -2.37 3.98
N SER A 249 9.11 -2.94 4.52
CA SER A 249 9.03 -3.03 5.97
C SER A 249 10.17 -3.89 6.47
N PHE A 250 10.47 -4.95 5.72
CA PHE A 250 11.51 -5.88 6.12
C PHE A 250 12.86 -5.14 6.20
N HIS A 251 13.10 -4.36 5.15
CA HIS A 251 14.33 -3.54 5.06
C HIS A 251 14.44 -2.60 6.25
N LEU A 252 13.34 -1.99 6.64
CA LEU A 252 13.37 -1.10 7.81
C LEU A 252 13.77 -1.88 9.09
N TRP A 253 13.20 -3.05 9.26
CA TRP A 253 13.48 -3.83 10.43
C TRP A 253 14.90 -4.42 10.54
N ARG A 254 15.42 -4.96 9.49
CA ARG A 254 16.50 -5.85 9.29
C ARG A 254 17.79 -5.24 8.75
N GLY A 255 17.63 -4.10 8.13
CA GLY A 255 18.71 -3.42 7.48
C GLY A 255 19.16 -4.20 6.27
N VAL A 256 18.42 -5.10 5.71
CA VAL A 256 18.75 -5.73 4.44
C VAL A 256 17.55 -5.68 3.51
N MET A 257 17.73 -5.22 2.28
CA MET A 257 16.64 -5.16 1.30
C MET A 257 16.51 -6.51 0.58
N PRO A 258 15.40 -7.19 0.80
CA PRO A 258 15.17 -8.48 0.16
C PRO A 258 15.07 -8.28 -1.34
N ASP A 259 15.34 -9.32 -2.12
CA ASP A 259 15.14 -9.21 -3.54
C ASP A 259 13.64 -9.32 -3.82
N PHE A 260 13.01 -8.17 -3.96
CA PHE A 260 11.58 -8.06 -4.22
C PHE A 260 11.06 -8.95 -5.36
N VAL A 261 11.64 -8.79 -6.55
CA VAL A 261 11.21 -9.56 -7.70
C VAL A 261 11.24 -11.09 -7.44
N SER A 262 12.36 -11.61 -6.92
CA SER A 262 12.43 -13.03 -6.63
C SER A 262 11.33 -13.51 -5.72
N VAL A 263 11.17 -12.86 -4.59
CA VAL A 263 10.16 -13.34 -3.66
C VAL A 263 8.77 -13.23 -4.26
N TYR A 264 8.53 -12.14 -4.96
CA TYR A 264 7.28 -11.95 -5.68
C TYR A 264 7.08 -13.12 -6.62
N GLU A 265 8.11 -13.44 -7.39
CA GLU A 265 7.99 -14.56 -8.33
C GLU A 265 7.67 -15.89 -7.61
N GLN A 266 8.36 -16.16 -6.52
CA GLN A 266 8.15 -17.41 -5.79
C GLN A 266 6.74 -17.46 -5.24
N LEU A 267 6.29 -16.35 -4.68
CA LEU A 267 4.96 -16.25 -4.11
C LEU A 267 3.92 -16.45 -5.20
N LYS A 268 4.13 -15.81 -6.34
CA LYS A 268 3.24 -15.98 -7.48
C LYS A 268 3.28 -17.44 -7.89
N LYS A 269 4.44 -18.05 -7.80
CA LYS A 269 4.54 -19.47 -8.12
C LYS A 269 3.81 -20.23 -7.03
N ALA A 270 4.06 -19.97 -5.78
CA ALA A 270 3.32 -20.46 -4.65
C ALA A 270 1.82 -20.38 -4.82
N MET A 271 1.25 -19.27 -5.01
CA MET A 271 0.07 -18.80 -5.61
C MET A 271 -0.56 -19.61 -6.66
N LEU A 272 0.19 -20.07 -7.70
CA LEU A 272 -0.64 -20.39 -8.90
C LEU A 272 -0.88 -21.82 -9.25
#